data_1D2M
#
_entry.id   1D2M
#
_cell.length_a   135.040
_cell.length_b   135.040
_cell.length_c   106.756
_cell.angle_alpha   90.00
_cell.angle_beta   90.00
_cell.angle_gamma   120.00
#
_symmetry.space_group_name_H-M   'P 32 2 1'
#
loop_
_entity.id
_entity.type
_entity.pdbx_description
1 polymer 'EXCINUCLEASE ABC SUBUNIT B'
2 non-polymer 'octyl beta-D-glucopyranoside'
3 non-polymer 'SULFATE ION'
4 water water
#
_entity_poly.entity_id   1
_entity_poly.type   'polypeptide(L)'
_entity_poly.pdbx_seq_one_letter_code
;MTFRYRGPSPKGDQPKAIAGLVEALRDGERFVTLLGATGTGKTVTMAKVIEALGRPALVLAPNKILAAQLAAEFRELFPE
NAVEYFISYYDYYQPEAYVPGKDLYIEKDASINPEIERLRHSTTRSLLTRRDVIVVASVSAIYGLGDPREYRARNLVVER
GKPYPREVLLERLLELGYQRNDIDLSPGRFRAKGEVLEIFPAYETEPIRVELFGDEVERISQVHPVTGERLRELPGFVLF
PATHYLSPEGLEEILKEIEKELWERVRYFEERGEVLYAQRLKERTLYDLEMLRVMGTCPGVENYARYFTGKAPGEPPYTL
LDYFPEDFLVFLDESHVTVPQLQGMYRGDYARKKTLVDYGFRLPSALDNRPLRFEEFLERVSQVVFVSATPGPFELAHSG
RVVEQIIRPTGLLDPLVRVKPTENQILDLMEGIRERAARGERTLVTVLTVRMAEELTSFLVEHGIRARYLHHELDAFKRQ
ALIRDLRLGHYDCLVGINLLREGLDIPEVSLVAILDADKEGFLRSERSLIQTIGRAARNARGEVWLYADRVSEAMQRAIE
ETNRRRALQEAYNLEHGITPETVRKEVRAVIRPEGYEEAPLEADLSGEDLRERIAELELAMWQAAEALDFERAARLRDEI
RALEARLQGVRAPEPVPGGRKRKRR
;
_entity_poly.pdbx_strand_id   A
#
# COMPACT_ATOMS: atom_id res chain seq x y z
N THR A 2 -11.15 -7.69 -20.97
CA THR A 2 -11.81 -8.95 -20.54
C THR A 2 -10.85 -9.80 -19.70
N PHE A 3 -11.30 -10.19 -18.51
CA PHE A 3 -10.49 -11.00 -17.62
C PHE A 3 -10.87 -12.47 -17.70
N ARG A 4 -9.92 -13.33 -17.32
CA ARG A 4 -10.15 -14.77 -17.32
C ARG A 4 -9.84 -15.32 -15.93
N TYR A 5 -10.85 -15.34 -15.07
CA TYR A 5 -10.68 -15.84 -13.71
C TYR A 5 -10.35 -17.32 -13.72
N ARG A 6 -9.32 -17.72 -12.99
CA ARG A 6 -8.93 -19.13 -12.94
C ARG A 6 -8.75 -19.66 -11.52
N GLY A 7 -9.21 -18.90 -10.54
CA GLY A 7 -9.09 -19.34 -9.15
C GLY A 7 -10.24 -20.23 -8.71
N PRO A 8 -10.35 -20.53 -7.41
CA PRO A 8 -11.43 -21.39 -6.93
C PRO A 8 -12.80 -20.74 -7.07
N SER A 9 -13.82 -21.55 -7.28
CA SER A 9 -15.17 -21.03 -7.41
C SER A 9 -15.58 -20.42 -6.07
N PRO A 10 -16.37 -19.34 -6.10
CA PRO A 10 -16.82 -18.68 -4.86
C PRO A 10 -17.69 -19.57 -3.99
N LYS A 11 -17.41 -19.55 -2.69
CA LYS A 11 -18.15 -20.35 -1.72
C LYS A 11 -18.56 -19.46 -0.52
N GLY A 12 -19.25 -20.05 0.44
CA GLY A 12 -19.69 -19.28 1.60
C GLY A 12 -20.58 -18.13 1.18
N ASP A 13 -20.29 -16.93 1.67
CA ASP A 13 -21.08 -15.76 1.31
C ASP A 13 -20.55 -15.06 0.07
N GLN A 14 -19.47 -15.57 -0.53
CA GLN A 14 -18.92 -14.93 -1.71
C GLN A 14 -19.91 -14.77 -2.88
N PRO A 15 -20.65 -15.83 -3.23
CA PRO A 15 -21.60 -15.66 -4.35
C PRO A 15 -22.57 -14.50 -4.13
N LYS A 16 -23.17 -14.44 -2.96
CA LYS A 16 -24.12 -13.38 -2.63
C LYS A 16 -23.45 -12.01 -2.61
N ALA A 17 -22.23 -11.96 -2.07
CA ALA A 17 -21.46 -10.71 -1.97
C ALA A 17 -21.20 -10.23 -3.39
N ILE A 18 -20.63 -11.12 -4.22
CA ILE A 18 -20.41 -10.80 -5.62
C ILE A 18 -21.88 -10.73 -6.02
N ALA A 19 -22.24 -9.95 -7.04
CA ALA A 19 -23.66 -9.83 -7.38
C ALA A 19 -24.18 -9.01 -6.21
N GLY A 20 -24.88 -7.94 -6.47
CA GLY A 20 -25.30 -7.11 -5.36
C GLY A 20 -24.21 -6.07 -5.32
N LEU A 21 -22.96 -6.54 -5.31
CA LEU A 21 -21.82 -5.63 -5.36
C LEU A 21 -21.81 -5.26 -6.84
N VAL A 22 -21.93 -6.27 -7.69
CA VAL A 22 -21.97 -6.07 -9.14
C VAL A 22 -23.26 -5.33 -9.49
N GLU A 23 -24.35 -5.71 -8.84
CA GLU A 23 -25.64 -5.06 -9.08
C GLU A 23 -25.57 -3.59 -8.71
N ALA A 24 -24.96 -3.28 -7.56
CA ALA A 24 -24.85 -1.90 -7.11
C ALA A 24 -24.02 -1.07 -8.08
N LEU A 25 -22.90 -1.62 -8.54
CA LEU A 25 -22.02 -0.91 -9.48
C LEU A 25 -22.68 -0.69 -10.84
N ARG A 26 -23.38 -1.71 -11.33
CA ARG A 26 -24.07 -1.60 -12.61
C ARG A 26 -25.23 -0.61 -12.52
N ASP A 27 -25.77 -0.44 -11.32
CA ASP A 27 -26.87 0.51 -11.12
C ASP A 27 -26.36 1.93 -10.98
N GLY A 28 -25.04 2.10 -11.11
CA GLY A 28 -24.45 3.42 -11.04
C GLY A 28 -24.09 3.98 -9.67
N GLU A 29 -24.05 3.13 -8.63
CA GLU A 29 -23.68 3.63 -7.31
C GLU A 29 -22.22 4.05 -7.33
N ARG A 30 -21.93 5.24 -6.85
CA ARG A 30 -20.56 5.74 -6.82
C ARG A 30 -19.76 5.12 -5.67
N PHE A 31 -20.39 4.97 -4.51
CA PHE A 31 -19.73 4.40 -3.33
C PHE A 31 -20.44 3.13 -2.86
N VAL A 32 -19.67 2.06 -2.72
CA VAL A 32 -20.20 0.78 -2.26
C VAL A 32 -19.21 0.16 -1.28
N THR A 33 -19.72 -0.52 -0.26
CA THR A 33 -18.85 -1.15 0.73
C THR A 33 -19.04 -2.65 0.80
N LEU A 34 -17.92 -3.37 0.80
CA LEU A 34 -17.95 -4.82 0.97
C LEU A 34 -17.55 -4.99 2.44
N LEU A 35 -18.50 -5.35 3.28
CA LEU A 35 -18.18 -5.55 4.70
C LEU A 35 -17.91 -7.05 4.82
N GLY A 36 -16.63 -7.42 4.88
CA GLY A 36 -16.28 -8.83 4.98
C GLY A 36 -15.38 -9.19 6.15
N ALA A 37 -15.85 -10.11 6.98
CA ALA A 37 -15.11 -10.54 8.15
C ALA A 37 -13.81 -11.21 7.70
N THR A 38 -12.84 -11.29 8.62
CA THR A 38 -11.57 -11.94 8.28
C THR A 38 -11.82 -13.37 7.85
N GLY A 39 -11.03 -13.84 6.89
CA GLY A 39 -11.14 -15.20 6.44
C GLY A 39 -12.32 -15.56 5.55
N THR A 40 -13.05 -14.57 5.03
CA THR A 40 -14.18 -14.86 4.15
C THR A 40 -13.77 -14.84 2.69
N GLY A 41 -12.48 -14.54 2.46
CA GLY A 41 -11.95 -14.52 1.10
C GLY A 41 -12.28 -13.27 0.30
N LYS A 42 -11.95 -12.11 0.85
CA LYS A 42 -12.25 -10.84 0.18
C LYS A 42 -11.51 -10.66 -1.15
N THR A 43 -10.34 -11.26 -1.31
CA THR A 43 -9.61 -11.11 -2.57
C THR A 43 -10.36 -11.80 -3.71
N VAL A 44 -10.86 -13.00 -3.47
CA VAL A 44 -11.63 -13.72 -4.49
C VAL A 44 -12.88 -12.91 -4.86
N THR A 45 -13.53 -12.32 -3.85
CA THR A 45 -14.73 -11.53 -4.10
C THR A 45 -14.38 -10.34 -5.00
N MET A 46 -13.33 -9.61 -4.66
CA MET A 46 -12.93 -8.47 -5.49
C MET A 46 -12.65 -8.94 -6.91
N ALA A 47 -11.93 -10.06 -7.01
CA ALA A 47 -11.56 -10.64 -8.30
C ALA A 47 -12.76 -10.98 -9.18
N LYS A 48 -13.81 -11.57 -8.60
CA LYS A 48 -15.00 -11.91 -9.38
C LYS A 48 -15.75 -10.66 -9.79
N VAL A 49 -15.74 -9.63 -8.95
CA VAL A 49 -16.44 -8.38 -9.28
C VAL A 49 -15.69 -7.75 -10.46
N ILE A 50 -14.37 -7.76 -10.39
CA ILE A 50 -13.55 -7.19 -11.45
C ILE A 50 -13.82 -7.95 -12.76
N GLU A 51 -13.83 -9.28 -12.67
CA GLU A 51 -14.10 -10.11 -13.85
C GLU A 51 -15.44 -9.74 -14.46
N ALA A 52 -16.47 -9.68 -13.62
CA ALA A 52 -17.82 -9.37 -14.08
C ALA A 52 -17.97 -8.02 -14.77
N LEU A 53 -17.33 -7.00 -14.24
CA LEU A 53 -17.44 -5.67 -14.82
C LEU A 53 -16.51 -5.42 -16.01
N GLY A 54 -15.43 -6.20 -16.09
CA GLY A 54 -14.49 -6.10 -17.20
C GLY A 54 -13.80 -4.76 -17.44
N ARG A 55 -13.62 -3.99 -16.38
CA ARG A 55 -12.97 -2.69 -16.50
C ARG A 55 -11.62 -2.74 -15.77
N PRO A 56 -10.61 -2.00 -16.27
CA PRO A 56 -9.33 -2.04 -15.56
C PRO A 56 -9.58 -1.60 -14.11
N ALA A 57 -8.75 -2.08 -13.19
CA ALA A 57 -8.95 -1.73 -11.80
C ALA A 57 -7.69 -1.38 -11.01
N LEU A 58 -7.90 -0.58 -9.97
CA LEU A 58 -6.83 -0.15 -9.07
C LEU A 58 -7.23 -0.60 -7.68
N VAL A 59 -6.36 -1.35 -7.02
CA VAL A 59 -6.62 -1.83 -5.67
C VAL A 59 -5.57 -1.23 -4.74
N LEU A 60 -6.00 -0.35 -3.83
CA LEU A 60 -5.07 0.28 -2.91
C LEU A 60 -5.05 -0.40 -1.55
N ALA A 61 -3.84 -0.64 -1.03
CA ALA A 61 -3.68 -1.28 0.27
C ALA A 61 -3.02 -0.32 1.26
N PRO A 62 -3.22 -0.55 2.57
CA PRO A 62 -2.65 0.30 3.62
C PRO A 62 -1.14 0.22 3.78
N ASN A 63 -0.52 -0.84 3.28
CA ASN A 63 0.91 -0.97 3.41
C ASN A 63 1.51 -1.83 2.31
N LYS A 64 2.83 -1.75 2.17
CA LYS A 64 3.57 -2.48 1.14
C LYS A 64 3.54 -4.00 1.26
N ILE A 65 3.36 -4.51 2.47
CA ILE A 65 3.31 -5.96 2.67
C ILE A 65 2.04 -6.51 2.06
N LEU A 66 0.91 -5.90 2.43
CA LEU A 66 -0.37 -6.33 1.89
C LEU A 66 -0.44 -6.06 0.39
N ALA A 67 0.12 -4.93 -0.05
CA ALA A 67 0.12 -4.61 -1.47
C ALA A 67 0.79 -5.73 -2.27
N ALA A 68 1.98 -6.14 -1.83
CA ALA A 68 2.71 -7.20 -2.52
C ALA A 68 1.91 -8.51 -2.46
N GLN A 69 1.32 -8.77 -1.30
CA GLN A 69 0.53 -9.98 -1.09
C GLN A 69 -0.67 -10.04 -2.04
N LEU A 70 -1.39 -8.93 -2.15
CA LEU A 70 -2.56 -8.86 -3.03
C LEU A 70 -2.14 -9.05 -4.49
N ALA A 71 -1.05 -8.39 -4.88
CA ALA A 71 -0.56 -8.52 -6.26
C ALA A 71 -0.30 -9.99 -6.59
N ALA A 72 0.38 -10.70 -5.69
CA ALA A 72 0.70 -12.11 -5.89
C ALA A 72 -0.57 -12.96 -6.04
N GLU A 73 -1.58 -12.68 -5.22
CA GLU A 73 -2.84 -13.43 -5.29
C GLU A 73 -3.54 -13.22 -6.63
N PHE A 74 -3.70 -11.95 -7.01
CA PHE A 74 -4.35 -11.61 -8.26
C PHE A 74 -3.64 -12.22 -9.46
N ARG A 75 -2.31 -12.34 -9.39
CA ARG A 75 -1.58 -12.92 -10.50
C ARG A 75 -1.98 -14.39 -10.67
N GLU A 76 -2.20 -15.07 -9.55
CA GLU A 76 -2.59 -16.48 -9.58
C GLU A 76 -4.05 -16.64 -10.01
N LEU A 77 -4.86 -15.63 -9.73
CA LEU A 77 -6.28 -15.68 -10.09
C LEU A 77 -6.52 -15.30 -11.55
N PHE A 78 -5.65 -14.46 -12.10
CA PHE A 78 -5.75 -14.02 -13.49
C PHE A 78 -4.40 -14.23 -14.18
N PRO A 79 -3.95 -15.50 -14.28
CA PRO A 79 -2.67 -15.83 -14.91
C PRO A 79 -2.46 -15.30 -16.33
N GLU A 80 -3.56 -15.05 -17.04
CA GLU A 80 -3.48 -14.57 -18.41
C GLU A 80 -3.71 -13.08 -18.61
N ASN A 81 -4.01 -12.37 -17.53
CA ASN A 81 -4.25 -10.93 -17.64
C ASN A 81 -3.09 -10.16 -17.02
N ALA A 82 -3.13 -8.84 -17.15
CA ALA A 82 -2.05 -8.00 -16.63
C ALA A 82 -2.25 -7.55 -15.18
N VAL A 83 -1.51 -8.15 -14.26
CA VAL A 83 -1.58 -7.79 -12.85
C VAL A 83 -0.30 -7.02 -12.55
N GLU A 84 -0.45 -5.75 -12.19
CA GLU A 84 0.70 -4.89 -11.93
C GLU A 84 0.83 -4.47 -10.48
N TYR A 85 2.06 -4.20 -10.07
CA TYR A 85 2.33 -3.74 -8.71
C TYR A 85 3.06 -2.42 -8.83
N PHE A 86 2.33 -1.31 -8.67
CA PHE A 86 2.94 0.00 -8.78
C PHE A 86 3.66 0.35 -7.48
N ILE A 87 4.76 -0.35 -7.25
CA ILE A 87 5.58 -0.16 -6.07
C ILE A 87 6.14 1.26 -6.11
N SER A 88 6.44 1.80 -4.94
CA SER A 88 6.97 3.15 -4.85
C SER A 88 8.35 3.18 -4.20
N TYR A 89 9.21 4.08 -4.68
CA TYR A 89 10.57 4.16 -4.14
C TYR A 89 10.60 4.54 -2.67
N TYR A 90 9.54 5.18 -2.18
CA TYR A 90 9.53 5.53 -0.77
C TYR A 90 9.04 4.36 0.08
N ASP A 91 9.16 3.16 -0.48
CA ASP A 91 8.73 1.98 0.24
C ASP A 91 9.89 1.23 0.87
N TYR A 92 11.03 1.21 0.19
CA TYR A 92 12.19 0.50 0.71
C TYR A 92 13.45 1.40 0.81
N TYR A 93 13.46 2.52 0.08
CA TYR A 93 14.60 3.44 0.08
C TYR A 93 14.36 4.78 0.75
N GLN A 94 15.44 5.51 0.97
CA GLN A 94 15.37 6.82 1.62
C GLN A 94 15.18 7.95 0.62
N PRO A 95 14.20 8.83 0.87
CA PRO A 95 13.87 9.99 0.03
C PRO A 95 14.77 11.14 0.49
N GLU A 96 14.80 12.22 -0.27
CA GLU A 96 15.59 13.38 0.13
C GLU A 96 14.86 13.99 1.32
N ALA A 97 15.62 14.49 2.29
CA ALA A 97 15.01 15.08 3.48
C ALA A 97 15.97 15.96 4.27
N TYR A 98 15.42 16.78 5.15
CA TYR A 98 16.21 17.65 6.00
C TYR A 98 15.55 17.76 7.36
N VAL A 99 16.34 17.53 8.41
CA VAL A 99 15.83 17.63 9.77
C VAL A 99 16.52 18.79 10.47
N PRO A 100 15.79 19.90 10.67
CA PRO A 100 16.31 21.10 11.32
C PRO A 100 16.95 20.77 12.66
N GLY A 101 16.28 19.90 13.41
CA GLY A 101 16.77 19.50 14.72
C GLY A 101 18.28 19.37 14.80
N LYS A 102 18.85 18.61 13.87
CA LYS A 102 20.30 18.43 13.84
C LYS A 102 21.00 18.89 12.56
N ASP A 103 20.36 19.83 11.87
CA ASP A 103 20.93 20.41 10.65
C ASP A 103 21.38 19.40 9.58
N LEU A 104 21.01 18.15 9.79
CA LEU A 104 21.41 17.09 8.88
C LEU A 104 20.57 16.95 7.60
N TYR A 105 21.24 16.98 6.46
CA TYR A 105 20.55 16.80 5.17
C TYR A 105 20.76 15.36 4.71
N ILE A 106 19.69 14.74 4.24
CA ILE A 106 19.77 13.35 3.78
C ILE A 106 19.44 13.20 2.29
N GLU A 107 20.40 12.69 1.51
CA GLU A 107 20.18 12.48 0.09
C GLU A 107 19.37 11.21 -0.16
N LYS A 108 18.59 11.20 -1.23
CA LYS A 108 17.80 10.01 -1.55
C LYS A 108 18.78 8.97 -2.07
N ASP A 109 18.47 7.70 -1.88
CA ASP A 109 19.34 6.64 -2.34
C ASP A 109 19.43 6.61 -3.87
N ALA A 110 20.62 6.33 -4.37
CA ALA A 110 20.86 6.27 -5.82
C ALA A 110 21.12 4.84 -6.25
N SER A 111 21.13 4.61 -7.57
CA SER A 111 21.36 3.29 -8.13
C SER A 111 20.49 2.24 -7.45
N ILE A 112 19.21 2.55 -7.29
CA ILE A 112 18.28 1.62 -6.64
C ILE A 112 18.08 0.36 -7.47
N ASN A 113 17.55 -0.68 -6.81
CA ASN A 113 17.27 -1.96 -7.44
C ASN A 113 16.41 -1.68 -8.68
N PRO A 114 16.83 -2.18 -9.85
CA PRO A 114 16.10 -1.99 -11.10
C PRO A 114 14.65 -2.47 -11.07
N GLU A 115 14.32 -3.37 -10.15
CA GLU A 115 12.96 -3.88 -10.05
C GLU A 115 11.93 -2.79 -9.77
N ILE A 116 12.31 -1.82 -8.95
CA ILE A 116 11.42 -0.72 -8.59
C ILE A 116 10.85 -0.03 -9.83
N GLU A 117 11.71 0.64 -10.59
CA GLU A 117 11.27 1.34 -11.78
C GLU A 117 10.69 0.40 -12.84
N ARG A 118 11.21 -0.82 -12.87
CA ARG A 118 10.74 -1.81 -13.83
C ARG A 118 9.24 -2.09 -13.61
N LEU A 119 8.87 -2.35 -12.36
CA LEU A 119 7.47 -2.62 -12.01
C LEU A 119 6.58 -1.43 -12.32
N ARG A 120 7.09 -0.22 -12.08
CA ARG A 120 6.34 1.00 -12.33
C ARG A 120 6.10 1.20 -13.83
N HIS A 121 7.11 0.93 -14.63
CA HIS A 121 6.98 1.09 -16.08
C HIS A 121 6.09 -0.01 -16.67
N SER A 122 6.20 -1.21 -16.11
CA SER A 122 5.37 -2.31 -16.57
C SER A 122 3.91 -1.92 -16.33
N THR A 123 3.67 -1.18 -15.24
CA THR A 123 2.33 -0.73 -14.89
C THR A 123 1.75 0.27 -15.88
N THR A 124 2.50 1.34 -16.17
CA THR A 124 2.01 2.34 -17.11
C THR A 124 1.92 1.81 -18.54
N ARG A 125 2.84 0.92 -18.90
CA ARG A 125 2.84 0.34 -20.24
C ARG A 125 1.55 -0.45 -20.47
N SER A 126 1.26 -1.38 -19.56
CA SER A 126 0.06 -2.19 -19.63
C SER A 126 -1.20 -1.33 -19.68
N LEU A 127 -1.28 -0.33 -18.81
CA LEU A 127 -2.43 0.56 -18.76
C LEU A 127 -2.72 1.26 -20.08
N LEU A 128 -1.68 1.45 -20.90
CA LEU A 128 -1.86 2.11 -22.19
C LEU A 128 -1.92 1.16 -23.38
N THR A 129 -1.92 -0.14 -23.12
CA THR A 129 -1.96 -1.11 -24.21
C THR A 129 -3.00 -2.20 -24.04
N ARG A 130 -3.56 -2.32 -22.83
CA ARG A 130 -4.57 -3.35 -22.54
C ARG A 130 -5.64 -2.85 -21.58
N ARG A 131 -6.77 -3.55 -21.56
CA ARG A 131 -7.86 -3.19 -20.65
C ARG A 131 -7.93 -4.21 -19.53
N ASP A 132 -7.41 -5.41 -19.78
CA ASP A 132 -7.42 -6.48 -18.78
C ASP A 132 -6.27 -6.26 -17.82
N VAL A 133 -6.31 -5.14 -17.11
CA VAL A 133 -5.26 -4.79 -16.15
C VAL A 133 -5.76 -4.53 -14.73
N ILE A 134 -5.07 -5.11 -13.77
CA ILE A 134 -5.38 -4.91 -12.36
C ILE A 134 -4.09 -4.38 -11.73
N VAL A 135 -4.16 -3.18 -11.18
CA VAL A 135 -2.99 -2.58 -10.55
C VAL A 135 -3.17 -2.53 -9.05
N VAL A 136 -2.18 -3.04 -8.32
CA VAL A 136 -2.20 -3.03 -6.86
C VAL A 136 -1.11 -2.04 -6.44
N ALA A 137 -1.39 -1.27 -5.40
CA ALA A 137 -0.42 -0.29 -4.93
C ALA A 137 -0.75 0.17 -3.53
N SER A 138 0.25 0.70 -2.84
CA SER A 138 0.06 1.23 -1.51
C SER A 138 -0.53 2.61 -1.76
N VAL A 139 -1.20 3.18 -0.77
CA VAL A 139 -1.78 4.51 -0.90
C VAL A 139 -0.70 5.54 -1.24
N SER A 140 0.44 5.39 -0.59
CA SER A 140 1.57 6.30 -0.79
C SER A 140 2.00 6.35 -2.25
N ALA A 141 1.68 5.31 -3.02
CA ALA A 141 2.04 5.26 -4.42
C ALA A 141 1.37 6.35 -5.24
N ILE A 142 0.24 6.87 -4.74
CA ILE A 142 -0.45 7.94 -5.45
C ILE A 142 0.28 9.25 -5.20
N TYR A 143 1.16 9.59 -6.14
CA TYR A 143 1.98 10.78 -6.05
C TYR A 143 2.13 11.37 -7.44
N GLY A 144 2.64 12.59 -7.51
CA GLY A 144 2.83 13.23 -8.79
C GLY A 144 3.63 12.32 -9.72
N LEU A 145 3.22 12.31 -10.98
CA LEU A 145 3.89 11.49 -11.99
C LEU A 145 3.86 12.31 -13.28
N GLY A 146 4.68 11.93 -14.27
CA GLY A 146 4.72 12.68 -15.51
C GLY A 146 3.40 12.73 -16.26
N ASP A 147 3.34 13.60 -17.27
CA ASP A 147 2.13 13.75 -18.08
C ASP A 147 1.92 12.48 -18.90
N PRO A 148 0.73 11.85 -18.76
CA PRO A 148 0.43 10.63 -19.51
C PRO A 148 0.35 10.83 -21.03
N ARG A 149 -0.01 12.04 -21.46
CA ARG A 149 -0.10 12.33 -22.89
C ARG A 149 1.24 12.15 -23.57
N GLU A 150 2.28 12.74 -23.01
CA GLU A 150 3.62 12.62 -23.58
C GLU A 150 4.08 11.18 -23.55
N TYR A 151 3.95 10.55 -22.39
CA TYR A 151 4.35 9.16 -22.23
C TYR A 151 3.69 8.32 -23.34
N ARG A 152 2.43 8.64 -23.63
CA ARG A 152 1.67 7.95 -24.65
C ARG A 152 2.11 8.26 -26.08
N ALA A 153 2.12 9.54 -26.42
CA ALA A 153 2.49 10.00 -27.76
C ALA A 153 3.95 9.79 -28.14
N ARG A 154 4.76 9.35 -27.19
CA ARG A 154 6.18 9.14 -27.46
C ARG A 154 6.56 7.66 -27.43
N ASN A 155 6.33 6.99 -28.55
CA ASN A 155 6.66 5.57 -28.67
C ASN A 155 7.49 5.30 -29.92
N LEU A 156 7.99 4.08 -30.04
CA LEU A 156 8.81 3.67 -31.17
C LEU A 156 8.28 2.32 -31.68
N VAL A 157 7.75 2.31 -32.90
CA VAL A 157 7.22 1.08 -33.48
C VAL A 157 8.28 0.36 -34.31
N VAL A 158 8.28 -0.97 -34.24
CA VAL A 158 9.23 -1.79 -34.97
C VAL A 158 8.49 -2.83 -35.83
N ARG A 166 15.47 2.40 -40.70
CA ARG A 166 16.44 2.34 -39.61
C ARG A 166 17.34 3.58 -39.59
N GLU A 167 18.25 3.60 -38.62
CA GLU A 167 19.21 4.68 -38.40
C GLU A 167 18.72 6.10 -38.51
N VAL A 168 18.07 6.48 -37.43
CA VAL A 168 17.47 7.78 -37.17
C VAL A 168 16.78 7.21 -35.96
N LEU A 169 16.71 5.87 -35.99
CA LEU A 169 16.13 5.08 -34.92
C LEU A 169 17.29 4.81 -33.99
N LEU A 170 17.75 5.89 -33.41
CA LEU A 170 18.84 5.92 -32.45
C LEU A 170 18.93 7.42 -32.18
N GLU A 171 17.87 8.13 -32.55
CA GLU A 171 17.73 9.56 -32.32
C GLU A 171 16.43 9.56 -31.55
N ARG A 172 15.68 8.50 -31.80
CA ARG A 172 14.41 8.29 -31.12
C ARG A 172 14.79 7.72 -29.74
N LEU A 173 15.49 6.59 -29.73
CA LEU A 173 15.91 5.95 -28.50
C LEU A 173 16.18 6.92 -27.35
N LEU A 174 16.76 8.07 -27.67
CA LEU A 174 17.07 9.07 -26.65
C LEU A 174 15.89 10.00 -26.36
N GLU A 175 15.14 10.43 -27.36
CA GLU A 175 14.04 11.31 -27.01
C GLU A 175 12.94 10.51 -26.30
N LEU A 176 13.29 9.33 -25.78
CA LEU A 176 12.37 8.48 -25.03
C LEU A 176 12.93 8.29 -23.63
N GLY A 177 14.11 8.86 -23.38
CA GLY A 177 14.73 8.74 -22.08
C GLY A 177 15.81 7.68 -21.94
N TYR A 178 16.01 6.85 -22.95
CA TYR A 178 17.05 5.82 -22.86
C TYR A 178 18.46 6.40 -22.87
N GLN A 179 19.34 5.82 -22.08
CA GLN A 179 20.72 6.29 -21.97
C GLN A 179 21.75 5.33 -22.54
N ARG A 180 22.86 5.89 -23.02
CA ARG A 180 23.96 5.12 -23.62
C ARG A 180 24.89 4.52 -22.56
N ASN A 181 25.32 3.29 -22.80
CA ASN A 181 26.24 2.60 -21.89
C ASN A 181 26.53 1.21 -22.44
N ASP A 182 27.37 1.16 -23.47
CA ASP A 182 27.74 -0.11 -24.10
C ASP A 182 28.47 -1.03 -23.14
N ILE A 183 29.05 -0.46 -22.10
CA ILE A 183 29.78 -1.24 -21.10
C ILE A 183 28.81 -2.25 -20.47
N ASP A 184 28.17 -1.83 -19.37
CA ASP A 184 27.22 -2.67 -18.66
C ASP A 184 25.81 -2.22 -19.08
N LEU A 185 24.89 -3.17 -19.23
CA LEU A 185 23.51 -2.86 -19.64
C LEU A 185 22.54 -2.78 -18.47
N SER A 186 21.57 -1.88 -18.56
CA SER A 186 20.57 -1.68 -17.51
C SER A 186 19.18 -1.47 -18.13
N PRO A 187 18.10 -1.79 -17.38
CA PRO A 187 16.79 -1.58 -17.99
C PRO A 187 16.54 -0.11 -18.31
N GLY A 188 16.48 0.19 -19.59
CA GLY A 188 16.24 1.55 -20.04
C GLY A 188 17.53 2.13 -20.61
N ARG A 189 18.39 1.23 -21.09
CA ARG A 189 19.67 1.62 -21.67
C ARG A 189 19.90 0.86 -22.97
N PHE A 190 20.61 1.48 -23.91
CA PHE A 190 20.88 0.82 -25.19
C PHE A 190 22.37 0.54 -25.44
N ARG A 191 22.64 -0.55 -26.16
CA ARG A 191 23.99 -0.97 -26.51
C ARG A 191 24.14 -1.05 -28.02
N ALA A 192 24.97 -0.17 -28.57
CA ALA A 192 25.22 -0.12 -30.00
C ALA A 192 26.71 -0.25 -30.26
N LYS A 193 27.18 -1.48 -30.41
CA LYS A 193 28.59 -1.72 -30.65
C LYS A 193 28.86 -2.04 -32.12
N GLY A 194 27.93 -1.65 -32.98
CA GLY A 194 28.10 -1.88 -34.41
C GLY A 194 27.02 -2.68 -35.12
N GLU A 195 26.26 -1.98 -35.97
CA GLU A 195 25.20 -2.61 -36.76
C GLU A 195 24.16 -3.41 -35.99
N VAL A 196 24.40 -3.64 -34.70
CA VAL A 196 23.47 -4.43 -33.89
C VAL A 196 22.99 -3.65 -32.67
N LEU A 197 21.67 -3.49 -32.57
CA LEU A 197 21.06 -2.79 -31.44
C LEU A 197 20.67 -3.75 -30.34
N GLU A 198 20.63 -3.25 -29.11
CA GLU A 198 20.26 -4.06 -27.97
C GLU A 198 19.53 -3.18 -26.96
N ILE A 199 18.30 -2.83 -27.30
CA ILE A 199 17.45 -1.99 -26.46
C ILE A 199 16.93 -2.77 -25.26
N PHE A 200 16.98 -2.14 -24.09
CA PHE A 200 16.50 -2.77 -22.87
C PHE A 200 15.35 -1.89 -22.36
N PRO A 201 14.11 -2.18 -22.81
CA PRO A 201 12.94 -1.41 -22.38
C PRO A 201 12.77 -1.31 -20.87
N ALA A 202 12.40 -0.12 -20.41
CA ALA A 202 12.22 0.17 -19.00
C ALA A 202 11.30 -0.80 -18.25
N TYR A 203 10.43 -1.48 -18.98
CA TYR A 203 9.49 -2.42 -18.37
C TYR A 203 9.83 -3.90 -18.55
N GLU A 204 10.95 -4.19 -19.19
CA GLU A 204 11.36 -5.56 -19.44
C GLU A 204 12.40 -6.09 -18.48
N THR A 205 12.62 -7.40 -18.55
CA THR A 205 13.60 -8.10 -17.73
C THR A 205 14.53 -8.78 -18.73
N GLU A 206 14.17 -8.67 -20.01
CA GLU A 206 14.93 -9.26 -21.10
C GLU A 206 15.05 -8.25 -22.24
N PRO A 207 16.28 -7.82 -22.55
CA PRO A 207 16.55 -6.85 -23.62
C PRO A 207 16.19 -7.36 -25.01
N ILE A 208 16.14 -6.43 -25.97
CA ILE A 208 15.81 -6.78 -27.35
C ILE A 208 16.96 -6.55 -28.32
N ARG A 209 17.50 -7.65 -28.86
CA ARG A 209 18.59 -7.57 -29.82
C ARG A 209 18.03 -7.27 -31.21
N VAL A 210 18.45 -6.16 -31.79
CA VAL A 210 17.97 -5.78 -33.12
C VAL A 210 19.11 -5.84 -34.14
N GLU A 211 18.84 -6.46 -35.27
CA GLU A 211 19.83 -6.60 -36.34
C GLU A 211 19.20 -6.15 -37.65
N LEU A 212 18.57 -7.10 -38.33
CA LEU A 212 17.89 -6.90 -39.61
C LEU A 212 17.45 -5.45 -39.81
N GLY A 236 8.84 -8.20 -33.83
CA GLY A 236 8.14 -6.92 -33.71
C GLY A 236 7.79 -6.57 -32.28
N PHE A 237 7.54 -5.28 -32.04
CA PHE A 237 7.18 -4.80 -30.71
C PHE A 237 6.92 -3.30 -30.72
N VAL A 238 6.63 -2.75 -29.54
CA VAL A 238 6.37 -1.32 -29.39
C VAL A 238 7.10 -0.83 -28.14
N LEU A 239 8.05 0.08 -28.34
CA LEU A 239 8.85 0.60 -27.23
C LEU A 239 8.28 1.90 -26.64
N PHE A 240 8.09 1.90 -25.33
CA PHE A 240 7.60 3.07 -24.62
C PHE A 240 8.75 3.74 -23.89
N PRO A 241 8.66 5.05 -23.63
CA PRO A 241 9.71 5.80 -22.94
C PRO A 241 10.31 5.12 -21.72
N ALA A 242 11.55 5.49 -21.39
CA ALA A 242 12.26 4.94 -20.26
C ALA A 242 12.05 5.75 -18.99
N THR A 243 11.37 6.89 -19.12
CA THR A 243 11.10 7.74 -17.98
C THR A 243 9.69 8.31 -18.05
N HIS A 244 9.15 8.67 -16.89
CA HIS A 244 7.82 9.23 -16.81
C HIS A 244 7.87 10.76 -16.86
N TYR A 245 9.07 11.32 -16.80
CA TYR A 245 9.23 12.78 -16.84
C TYR A 245 10.09 13.19 -18.04
N LEU A 246 10.03 12.39 -19.10
CA LEU A 246 10.80 12.65 -20.31
C LEU A 246 10.83 14.11 -20.72
N SER A 247 11.90 14.50 -21.43
CA SER A 247 12.07 15.86 -21.90
C SER A 247 10.78 16.43 -22.48
N PRO A 248 10.67 17.77 -22.44
CA PRO A 248 9.49 18.45 -22.94
C PRO A 248 9.67 19.30 -24.20
N GLU A 249 8.74 20.23 -24.32
CA GLU A 249 8.66 21.20 -25.40
C GLU A 249 9.86 22.10 -25.53
N GLY A 250 9.81 23.21 -24.81
CA GLY A 250 10.89 24.17 -24.88
C GLY A 250 12.01 23.97 -23.87
N LEU A 251 12.35 22.71 -23.61
CA LEU A 251 13.41 22.33 -22.68
C LEU A 251 14.29 23.53 -22.33
N GLU A 252 14.74 24.26 -23.35
CA GLU A 252 15.58 25.44 -23.16
C GLU A 252 14.75 26.48 -22.42
N GLU A 253 13.56 26.72 -22.96
CA GLU A 253 12.56 27.64 -22.43
C GLU A 253 12.09 27.23 -21.04
N ILE A 254 12.13 25.92 -20.75
CA ILE A 254 11.72 25.46 -19.43
C ILE A 254 12.81 25.74 -18.41
N LEU A 255 14.06 25.51 -18.80
CA LEU A 255 15.19 25.76 -17.90
C LEU A 255 15.20 27.25 -17.57
N LYS A 256 14.71 28.06 -18.51
CA LYS A 256 14.66 29.51 -18.32
C LYS A 256 13.66 29.88 -17.23
N GLU A 257 12.49 29.25 -17.26
CA GLU A 257 11.46 29.52 -16.26
C GLU A 257 11.92 29.07 -14.87
N ILE A 258 12.62 27.95 -14.81
CA ILE A 258 13.12 27.43 -13.54
C ILE A 258 14.15 28.39 -12.96
N GLU A 259 15.06 28.89 -13.81
CA GLU A 259 16.07 29.81 -13.31
C GLU A 259 15.43 31.12 -12.85
N LYS A 260 14.33 31.50 -13.50
CA LYS A 260 13.63 32.72 -13.10
C LYS A 260 13.12 32.56 -11.67
N GLU A 261 12.60 31.38 -11.35
CA GLU A 261 12.09 31.15 -10.00
C GLU A 261 13.28 31.14 -9.02
N LEU A 262 14.39 30.55 -9.46
CA LEU A 262 15.59 30.46 -8.65
C LEU A 262 16.06 31.82 -8.13
N TRP A 263 16.26 32.77 -9.03
CA TRP A 263 16.73 34.07 -8.59
C TRP A 263 15.73 34.83 -7.74
N GLU A 264 14.43 34.59 -7.95
CA GLU A 264 13.41 35.25 -7.14
C GLU A 264 13.53 34.71 -5.72
N ARG A 265 13.69 33.40 -5.60
CA ARG A 265 13.80 32.75 -4.30
C ARG A 265 15.14 33.08 -3.63
N VAL A 266 16.21 33.21 -4.41
CA VAL A 266 17.51 33.57 -3.87
C VAL A 266 17.37 34.94 -3.21
N ARG A 267 16.70 35.86 -3.90
CA ARG A 267 16.49 37.21 -3.37
C ARG A 267 15.69 37.13 -2.08
N TYR A 268 14.67 36.27 -2.06
CA TYR A 268 13.86 36.11 -0.84
C TYR A 268 14.78 35.81 0.35
N PHE A 269 15.69 34.85 0.19
CA PHE A 269 16.61 34.49 1.27
C PHE A 269 17.59 35.62 1.58
N GLU A 270 18.14 36.20 0.53
CA GLU A 270 19.11 37.29 0.66
C GLU A 270 18.54 38.42 1.53
N GLU A 271 17.30 38.79 1.28
CA GLU A 271 16.63 39.86 2.03
C GLU A 271 16.43 39.51 3.50
N ARG A 272 16.39 38.22 3.80
CA ARG A 272 16.21 37.74 5.16
C ARG A 272 17.59 37.56 5.81
N GLY A 273 18.64 37.77 5.03
CA GLY A 273 19.99 37.63 5.55
C GLY A 273 20.41 36.17 5.64
N GLU A 274 19.60 35.29 5.07
CA GLU A 274 19.89 33.86 5.11
C GLU A 274 20.76 33.47 3.92
N VAL A 275 21.98 34.00 3.91
CA VAL A 275 22.94 33.74 2.86
C VAL A 275 23.25 32.26 2.64
N LEU A 276 23.26 31.48 3.71
CA LEU A 276 23.53 30.05 3.58
C LEU A 276 22.46 29.37 2.73
N TYR A 277 21.20 29.73 2.95
CA TYR A 277 20.11 29.14 2.19
C TYR A 277 20.13 29.58 0.74
N ALA A 278 20.49 30.83 0.51
CA ALA A 278 20.57 31.37 -0.85
C ALA A 278 21.66 30.63 -1.61
N GLN A 279 22.80 30.43 -0.95
CA GLN A 279 23.93 29.74 -1.55
C GLN A 279 23.57 28.30 -1.87
N ARG A 280 22.95 27.64 -0.91
CA ARG A 280 22.53 26.25 -1.04
C ARG A 280 21.60 26.06 -2.25
N LEU A 281 20.55 26.87 -2.30
CA LEU A 281 19.58 26.78 -3.39
C LEU A 281 20.21 27.08 -4.74
N LYS A 282 21.09 28.07 -4.79
CA LYS A 282 21.76 28.45 -6.03
C LYS A 282 22.61 27.32 -6.58
N GLU A 283 23.52 26.81 -5.74
CA GLU A 283 24.41 25.74 -6.16
C GLU A 283 23.67 24.48 -6.61
N ARG A 284 22.68 24.06 -5.84
CA ARG A 284 21.93 22.86 -6.20
C ARG A 284 21.08 23.05 -7.45
N THR A 285 20.40 24.17 -7.56
CA THR A 285 19.55 24.41 -8.72
C THR A 285 20.35 24.61 -10.00
N LEU A 286 21.45 25.36 -9.93
CA LEU A 286 22.28 25.57 -11.11
C LEU A 286 22.92 24.26 -11.54
N TYR A 287 23.19 23.38 -10.58
CA TYR A 287 23.78 22.10 -10.89
C TYR A 287 22.78 21.27 -11.71
N ASP A 288 21.53 21.25 -11.25
CA ASP A 288 20.48 20.51 -11.94
C ASP A 288 20.22 21.07 -13.33
N LEU A 289 20.10 22.40 -13.43
CA LEU A 289 19.84 23.04 -14.71
C LEU A 289 20.92 22.67 -15.72
N GLU A 290 22.16 22.57 -15.25
CA GLU A 290 23.28 22.23 -16.11
C GLU A 290 23.18 20.75 -16.49
N MET A 291 22.76 19.93 -15.54
CA MET A 291 22.60 18.50 -15.74
C MET A 291 21.52 18.24 -16.78
N LEU A 292 20.43 18.99 -16.70
CA LEU A 292 19.31 18.86 -17.63
C LEU A 292 19.70 19.35 -19.02
N ARG A 293 20.58 20.34 -19.06
CA ARG A 293 21.04 20.90 -20.33
C ARG A 293 22.08 20.02 -21.01
N VAL A 294 22.55 19.01 -20.29
CA VAL A 294 23.56 18.08 -20.83
C VAL A 294 23.06 16.62 -20.90
N MET A 295 21.87 16.37 -20.38
CA MET A 295 21.31 15.02 -20.38
C MET A 295 19.78 14.97 -20.43
N GLY A 296 19.15 16.14 -20.52
CA GLY A 296 17.70 16.18 -20.57
C GLY A 296 17.06 15.58 -19.34
N THR A 297 17.88 15.27 -18.34
CA THR A 297 17.42 14.70 -17.09
C THR A 297 18.45 14.91 -15.99
N CYS A 298 18.03 14.69 -14.75
CA CYS A 298 18.91 14.85 -13.60
C CYS A 298 18.29 14.14 -12.41
N PRO A 299 19.11 13.68 -11.46
CA PRO A 299 18.57 13.00 -10.28
C PRO A 299 17.62 13.94 -9.53
N GLY A 300 16.47 13.41 -9.12
CA GLY A 300 15.50 14.23 -8.42
C GLY A 300 14.73 15.14 -9.36
N VAL A 301 14.66 14.76 -10.63
CA VAL A 301 13.96 15.57 -11.63
C VAL A 301 12.48 15.80 -11.30
N GLU A 302 11.88 14.89 -10.54
CA GLU A 302 10.48 15.00 -10.17
C GLU A 302 10.16 16.35 -9.53
N ASN A 303 11.13 16.88 -8.78
CA ASN A 303 10.92 18.15 -8.10
C ASN A 303 10.53 19.29 -9.04
N TYR A 304 10.87 19.15 -10.32
CA TYR A 304 10.54 20.17 -11.30
C TYR A 304 9.32 19.72 -12.12
N ALA A 305 8.60 18.74 -11.59
CA ALA A 305 7.43 18.19 -12.27
C ALA A 305 6.52 19.21 -12.93
N ARG A 306 6.06 20.22 -12.19
CA ARG A 306 5.15 21.22 -12.73
C ARG A 306 5.65 21.92 -14.00
N TYR A 307 6.96 22.14 -14.11
CA TYR A 307 7.52 22.79 -15.28
C TYR A 307 7.45 21.86 -16.49
N PHE A 308 7.48 20.55 -16.23
CA PHE A 308 7.43 19.56 -17.29
C PHE A 308 6.00 19.26 -17.71
N THR A 309 5.07 19.45 -16.79
CA THR A 309 3.65 19.18 -17.06
C THR A 309 2.87 20.46 -17.33
N GLY A 310 3.55 21.60 -17.27
CA GLY A 310 2.90 22.88 -17.52
C GLY A 310 1.78 23.23 -16.56
N LYS A 311 1.64 22.46 -15.49
CA LYS A 311 0.60 22.71 -14.50
C LYS A 311 0.86 24.04 -13.78
N ALA A 312 -0.21 24.71 -13.36
CA ALA A 312 -0.06 25.98 -12.65
C ALA A 312 0.25 25.71 -11.19
N PRO A 313 0.86 26.68 -10.49
CA PRO A 313 1.18 26.46 -9.08
C PRO A 313 -0.07 26.17 -8.24
N GLY A 314 0.05 25.20 -7.34
CA GLY A 314 -1.07 24.83 -6.49
C GLY A 314 -1.99 23.78 -7.10
N GLU A 315 -1.99 23.68 -8.43
CA GLU A 315 -2.84 22.72 -9.12
C GLU A 315 -2.42 21.27 -8.86
N PRO A 316 -3.40 20.35 -8.85
CA PRO A 316 -3.12 18.93 -8.62
C PRO A 316 -2.23 18.42 -9.74
N PRO A 317 -1.18 17.67 -9.39
CA PRO A 317 -0.29 17.14 -10.41
C PRO A 317 -0.88 15.88 -11.05
N TYR A 318 -0.28 15.43 -12.15
CA TYR A 318 -0.74 14.21 -12.78
C TYR A 318 -0.26 13.09 -11.87
N THR A 319 -1.02 11.99 -11.83
CA THR A 319 -0.66 10.85 -11.01
C THR A 319 -1.00 9.57 -11.76
N LEU A 320 -0.72 8.42 -11.17
CA LEU A 320 -1.02 7.14 -11.80
C LEU A 320 -2.48 7.10 -12.24
N LEU A 321 -3.34 7.79 -11.50
CA LEU A 321 -4.78 7.80 -11.81
C LEU A 321 -5.07 8.27 -13.23
N ASP A 322 -4.27 9.22 -13.70
CA ASP A 322 -4.45 9.78 -15.04
C ASP A 322 -4.07 8.80 -16.13
N TYR A 323 -3.34 7.75 -15.76
CA TYR A 323 -2.92 6.74 -16.74
C TYR A 323 -3.98 5.67 -16.97
N PHE A 324 -5.03 5.69 -16.16
CA PHE A 324 -6.12 4.72 -16.29
C PHE A 324 -7.19 5.23 -17.24
N PRO A 325 -7.96 4.30 -17.84
CA PRO A 325 -9.02 4.73 -18.75
C PRO A 325 -10.05 5.41 -17.85
N GLU A 326 -10.85 6.31 -18.41
CA GLU A 326 -11.85 7.02 -17.62
C GLU A 326 -12.84 6.17 -16.80
N ASP A 327 -13.04 4.92 -17.19
CA ASP A 327 -13.99 4.07 -16.48
C ASP A 327 -13.37 3.03 -15.54
N PHE A 328 -12.13 3.25 -15.10
CA PHE A 328 -11.50 2.29 -14.21
C PHE A 328 -12.22 2.22 -12.86
N LEU A 329 -12.16 1.05 -12.23
CA LEU A 329 -12.81 0.82 -10.94
C LEU A 329 -11.77 0.86 -9.82
N VAL A 330 -12.12 1.44 -8.68
CA VAL A 330 -11.19 1.53 -7.56
C VAL A 330 -11.64 0.74 -6.34
N PHE A 331 -10.70 0.01 -5.74
CA PHE A 331 -10.95 -0.77 -4.53
C PHE A 331 -10.02 -0.25 -3.45
N LEU A 332 -10.58 0.11 -2.30
CA LEU A 332 -9.78 0.56 -1.18
C LEU A 332 -9.84 -0.52 -0.11
N ASP A 333 -8.84 -1.40 -0.13
CA ASP A 333 -8.75 -2.52 0.81
C ASP A 333 -8.48 -1.97 2.21
N GLU A 334 -8.98 -2.65 3.24
CA GLU A 334 -8.82 -2.17 4.62
C GLU A 334 -9.18 -0.68 4.64
N SER A 335 -10.33 -0.35 4.05
CA SER A 335 -10.80 1.03 3.94
C SER A 335 -10.80 1.86 5.21
N HIS A 336 -11.02 1.22 6.37
CA HIS A 336 -11.02 1.97 7.62
C HIS A 336 -9.62 2.50 7.92
N VAL A 337 -8.62 1.95 7.25
CA VAL A 337 -7.24 2.40 7.40
C VAL A 337 -6.81 3.25 6.20
N THR A 338 -7.11 2.73 5.00
CA THR A 338 -6.75 3.39 3.75
C THR A 338 -7.42 4.75 3.51
N VAL A 339 -8.67 4.92 3.93
CA VAL A 339 -9.33 6.21 3.72
C VAL A 339 -8.59 7.27 4.54
N PRO A 340 -8.37 7.03 5.84
CA PRO A 340 -7.66 8.03 6.65
C PRO A 340 -6.27 8.32 6.07
N GLN A 341 -5.62 7.30 5.50
CA GLN A 341 -4.31 7.48 4.89
C GLN A 341 -4.42 8.45 3.71
N LEU A 342 -5.41 8.22 2.87
CA LEU A 342 -5.65 9.07 1.71
C LEU A 342 -5.98 10.49 2.16
N GLN A 343 -6.67 10.61 3.28
CA GLN A 343 -7.05 11.93 3.78
C GLN A 343 -5.86 12.72 4.32
N GLY A 344 -4.89 12.01 4.91
CA GLY A 344 -3.74 12.69 5.50
C GLY A 344 -2.46 12.77 4.68
N MET A 345 -2.45 12.13 3.51
CA MET A 345 -1.27 12.12 2.64
C MET A 345 -0.72 13.50 2.29
N TYR A 346 -1.59 14.39 1.82
CA TYR A 346 -1.17 15.73 1.43
C TYR A 346 -0.45 16.49 2.53
N ARG A 347 -1.07 16.54 3.71
CA ARG A 347 -0.50 17.23 4.86
C ARG A 347 0.84 16.64 5.27
N GLY A 348 0.90 15.31 5.37
CA GLY A 348 2.14 14.65 5.75
C GLY A 348 3.28 14.99 4.81
N ASP A 349 3.02 14.90 3.51
CA ASP A 349 4.04 15.20 2.52
C ASP A 349 4.45 16.68 2.54
N TYR A 350 3.46 17.57 2.64
CA TYR A 350 3.72 19.00 2.67
C TYR A 350 4.72 19.37 3.77
N ALA A 351 4.51 18.81 4.96
CA ALA A 351 5.38 19.08 6.09
C ALA A 351 6.84 18.74 5.79
N ARG A 352 7.08 17.56 5.23
CA ARG A 352 8.42 17.13 4.89
C ARG A 352 9.04 17.94 3.76
N LYS A 353 8.24 18.30 2.77
CA LYS A 353 8.72 19.07 1.63
C LYS A 353 8.93 20.54 1.98
N LYS A 354 7.99 21.10 2.72
CA LYS A 354 8.04 22.50 3.13
C LYS A 354 9.35 22.77 3.87
N THR A 355 9.87 21.75 4.55
CA THR A 355 11.11 21.88 5.30
C THR A 355 12.30 22.03 4.34
N LEU A 356 12.32 21.24 3.28
CA LEU A 356 13.39 21.31 2.29
C LEU A 356 13.35 22.69 1.61
N VAL A 357 12.16 23.25 1.48
CA VAL A 357 11.98 24.55 0.86
C VAL A 357 12.44 25.69 1.79
N ASP A 358 12.03 25.61 3.05
CA ASP A 358 12.38 26.63 4.03
C ASP A 358 13.89 26.79 4.23
N TYR A 359 14.64 25.71 4.06
CA TYR A 359 16.08 25.79 4.26
C TYR A 359 16.92 25.83 2.99
N GLY A 360 16.27 26.18 1.88
CA GLY A 360 16.98 26.33 0.62
C GLY A 360 17.44 25.11 -0.17
N PHE A 361 16.91 23.92 0.14
CA PHE A 361 17.31 22.75 -0.62
C PHE A 361 16.47 22.57 -1.88
N ARG A 362 15.25 23.10 -1.86
CA ARG A 362 14.36 22.99 -3.02
C ARG A 362 13.58 24.28 -3.26
N LEU A 363 13.16 24.47 -4.50
CA LEU A 363 12.37 25.63 -4.89
C LEU A 363 10.93 25.42 -4.41
N PRO A 364 10.20 26.51 -4.15
CA PRO A 364 8.81 26.38 -3.70
C PRO A 364 8.00 25.50 -4.65
N SER A 365 8.40 25.51 -5.93
CA SER A 365 7.69 24.72 -6.95
C SER A 365 7.76 23.21 -6.71
N ALA A 366 8.71 22.76 -5.89
CA ALA A 366 8.83 21.33 -5.61
C ALA A 366 7.61 20.87 -4.81
N LEU A 367 6.91 21.82 -4.20
CA LEU A 367 5.72 21.52 -3.42
C LEU A 367 4.60 21.04 -4.34
N ASP A 368 4.70 21.37 -5.62
CA ASP A 368 3.66 20.98 -6.56
C ASP A 368 3.82 19.54 -7.06
N ASN A 369 4.89 18.88 -6.65
CA ASN A 369 5.09 17.47 -6.98
C ASN A 369 4.70 16.87 -5.63
N ARG A 370 3.44 16.49 -5.51
CA ARG A 370 2.91 16.01 -4.23
C ARG A 370 1.81 14.97 -4.39
N PRO A 371 1.27 14.51 -3.24
CA PRO A 371 0.18 13.51 -3.28
C PRO A 371 -1.08 14.35 -3.47
N LEU A 372 -2.20 13.70 -3.72
CA LEU A 372 -3.45 14.43 -3.91
C LEU A 372 -4.14 14.66 -2.58
N ARG A 373 -4.93 15.73 -2.51
CA ARG A 373 -5.73 16.01 -1.33
C ARG A 373 -6.86 14.99 -1.51
N PHE A 374 -7.54 14.60 -0.44
CA PHE A 374 -8.61 13.62 -0.57
C PHE A 374 -9.67 14.00 -1.62
N GLU A 375 -10.14 15.25 -1.56
CA GLU A 375 -11.15 15.71 -2.51
C GLU A 375 -10.64 15.67 -3.95
N GLU A 376 -9.34 15.88 -4.15
CA GLU A 376 -8.76 15.85 -5.48
C GLU A 376 -8.78 14.40 -5.96
N PHE A 377 -8.52 13.48 -5.04
CA PHE A 377 -8.51 12.05 -5.34
C PHE A 377 -9.91 11.64 -5.81
N LEU A 378 -10.92 12.05 -5.04
CA LEU A 378 -12.31 11.71 -5.35
C LEU A 378 -12.74 12.27 -6.70
N GLU A 379 -12.15 13.41 -7.09
CA GLU A 379 -12.46 14.05 -8.37
C GLU A 379 -11.86 13.27 -9.53
N ARG A 380 -10.89 12.40 -9.24
CA ARG A 380 -10.21 11.63 -10.28
C ARG A 380 -10.68 10.18 -10.42
N VAL A 381 -11.59 9.75 -9.56
CA VAL A 381 -12.12 8.39 -9.62
C VAL A 381 -13.61 8.44 -9.90
N SER A 382 -14.18 7.34 -10.38
CA SER A 382 -15.60 7.28 -10.71
C SER A 382 -16.42 6.47 -9.70
N GLN A 383 -16.07 5.20 -9.55
CA GLN A 383 -16.75 4.35 -8.59
C GLN A 383 -15.72 3.77 -7.65
N VAL A 384 -16.08 3.68 -6.38
CA VAL A 384 -15.17 3.16 -5.38
C VAL A 384 -15.80 2.09 -4.51
N VAL A 385 -15.10 0.99 -4.36
CA VAL A 385 -15.56 -0.11 -3.51
C VAL A 385 -14.68 -0.14 -2.26
N PHE A 386 -15.27 0.15 -1.11
CA PHE A 386 -14.54 0.10 0.15
C PHE A 386 -14.59 -1.33 0.65
N VAL A 387 -13.46 -1.86 1.10
CA VAL A 387 -13.40 -3.23 1.60
C VAL A 387 -12.86 -3.24 3.02
N SER A 388 -13.63 -3.77 3.97
CA SER A 388 -13.21 -3.82 5.36
C SER A 388 -14.14 -4.65 6.23
N ALA A 389 -13.57 -5.22 7.29
CA ALA A 389 -14.36 -6.01 8.24
C ALA A 389 -15.00 -5.05 9.22
N THR A 390 -14.47 -3.83 9.24
CA THR A 390 -14.93 -2.78 10.15
C THR A 390 -14.88 -1.43 9.42
N PRO A 391 -15.75 -1.24 8.42
CA PRO A 391 -15.77 0.01 7.67
C PRO A 391 -15.80 1.27 8.54
N GLY A 392 -15.01 2.26 8.14
CA GLY A 392 -14.93 3.52 8.88
C GLY A 392 -16.08 4.46 8.63
N PRO A 393 -16.10 5.61 9.33
CA PRO A 393 -17.16 6.61 9.20
C PRO A 393 -17.43 7.12 7.79
N PHE A 394 -16.39 7.36 7.02
CA PHE A 394 -16.60 7.86 5.66
C PHE A 394 -17.41 6.86 4.86
N GLU A 395 -16.95 5.61 4.83
CA GLU A 395 -17.67 4.60 4.06
C GLU A 395 -19.12 4.40 4.53
N LEU A 396 -19.37 4.49 5.82
CA LEU A 396 -20.72 4.30 6.32
C LEU A 396 -21.65 5.48 6.01
N ALA A 397 -21.10 6.68 5.94
CA ALA A 397 -21.96 7.83 5.62
C ALA A 397 -22.17 7.99 4.12
N HIS A 398 -21.24 7.50 3.31
CA HIS A 398 -21.36 7.72 1.88
C HIS A 398 -21.79 6.58 0.98
N SER A 399 -21.55 5.35 1.40
CA SER A 399 -21.91 4.22 0.56
C SER A 399 -23.42 4.13 0.28
N GLY A 400 -23.75 3.94 -1.01
CA GLY A 400 -25.14 3.81 -1.39
C GLY A 400 -25.59 2.38 -1.20
N ARG A 401 -24.63 1.51 -0.90
CA ARG A 401 -24.91 0.09 -0.69
C ARG A 401 -23.83 -0.56 0.16
N VAL A 402 -24.25 -1.38 1.13
CA VAL A 402 -23.30 -2.13 1.95
C VAL A 402 -23.67 -3.61 1.78
N VAL A 403 -22.70 -4.38 1.32
CA VAL A 403 -22.88 -5.81 1.09
C VAL A 403 -21.95 -6.56 2.01
N GLU A 404 -22.47 -7.46 2.84
CA GLU A 404 -21.54 -8.16 3.69
C GLU A 404 -21.36 -9.63 3.36
N GLN A 405 -20.23 -10.17 3.77
CA GLN A 405 -19.93 -11.57 3.61
C GLN A 405 -19.35 -11.97 4.96
N ILE A 406 -20.09 -12.85 5.64
CA ILE A 406 -19.77 -13.31 6.98
C ILE A 406 -19.40 -14.80 7.00
N ILE A 407 -20.08 -15.57 6.16
CA ILE A 407 -19.83 -17.01 6.09
C ILE A 407 -18.51 -17.28 5.35
N ARG A 408 -17.62 -17.96 6.03
CA ARG A 408 -16.31 -18.27 5.44
C ARG A 408 -16.33 -19.53 4.59
N PRO A 409 -15.55 -19.56 3.50
CA PRO A 409 -15.50 -20.72 2.63
C PRO A 409 -15.12 -21.98 3.42
N THR A 410 -14.24 -21.79 4.41
CA THR A 410 -13.75 -22.88 5.25
C THR A 410 -14.77 -23.34 6.29
N GLY A 411 -15.74 -22.49 6.60
CA GLY A 411 -16.73 -22.85 7.59
C GLY A 411 -16.29 -22.52 9.00
N LEU A 412 -15.09 -21.95 9.16
CA LEU A 412 -14.58 -21.60 10.48
C LEU A 412 -15.46 -20.55 11.16
N LEU A 413 -15.60 -20.69 12.47
CA LEU A 413 -16.43 -19.80 13.28
C LEU A 413 -15.69 -18.67 13.97
N ASP A 414 -16.37 -17.54 14.15
CA ASP A 414 -15.78 -16.43 14.89
C ASP A 414 -15.62 -17.05 16.28
N PRO A 415 -14.58 -16.64 17.02
CA PRO A 415 -14.31 -17.17 18.37
C PRO A 415 -15.29 -16.82 19.47
N LEU A 416 -15.20 -17.57 20.56
CA LEU A 416 -16.01 -17.33 21.74
C LEU A 416 -15.26 -16.19 22.42
N VAL A 417 -16.00 -15.24 22.97
CA VAL A 417 -15.37 -14.12 23.66
C VAL A 417 -15.80 -14.14 25.12
N ARG A 418 -14.82 -14.14 26.02
CA ARG A 418 -15.11 -14.16 27.45
C ARG A 418 -14.56 -12.91 28.13
N VAL A 419 -15.24 -12.49 29.19
CA VAL A 419 -14.78 -11.34 29.96
C VAL A 419 -14.36 -11.93 31.30
N LYS A 420 -13.13 -11.64 31.71
CA LYS A 420 -12.60 -12.15 32.96
C LYS A 420 -12.09 -11.01 33.85
N PRO A 421 -12.16 -11.19 35.18
CA PRO A 421 -11.71 -10.19 36.16
C PRO A 421 -10.22 -9.87 36.02
N THR A 422 -9.83 -8.69 36.48
CA THR A 422 -8.42 -8.32 36.43
C THR A 422 -7.70 -9.00 37.59
N GLU A 423 -8.44 -9.40 38.62
CA GLU A 423 -7.82 -10.06 39.74
C GLU A 423 -7.24 -11.40 39.29
N ASN A 424 -5.94 -11.56 39.50
CA ASN A 424 -5.25 -12.78 39.11
C ASN A 424 -5.25 -13.01 37.60
N GLN A 425 -5.27 -11.93 36.83
CA GLN A 425 -5.26 -12.01 35.37
C GLN A 425 -4.06 -12.77 34.84
N ILE A 426 -2.88 -12.34 35.27
CA ILE A 426 -1.65 -12.94 34.78
C ILE A 426 -1.54 -14.43 35.05
N LEU A 427 -1.92 -14.86 36.25
CA LEU A 427 -1.88 -16.28 36.57
C LEU A 427 -2.87 -17.04 35.68
N ASP A 428 -4.05 -16.47 35.52
CA ASP A 428 -5.10 -17.06 34.68
C ASP A 428 -4.61 -17.18 33.24
N LEU A 429 -3.99 -16.10 32.76
CA LEU A 429 -3.46 -16.04 31.39
C LEU A 429 -2.36 -17.09 31.20
N MET A 430 -1.40 -17.07 32.12
CA MET A 430 -0.28 -17.99 32.07
C MET A 430 -0.72 -19.47 32.02
N GLU A 431 -1.71 -19.84 32.84
CA GLU A 431 -2.18 -21.22 32.84
C GLU A 431 -2.90 -21.50 31.51
N GLY A 432 -3.57 -20.49 30.99
CA GLY A 432 -4.26 -20.63 29.72
C GLY A 432 -3.27 -20.85 28.59
N ILE A 433 -2.16 -20.10 28.64
CA ILE A 433 -1.12 -20.22 27.61
C ILE A 433 -0.42 -21.58 27.67
N ARG A 434 -0.03 -22.00 28.87
CA ARG A 434 0.67 -23.27 29.03
C ARG A 434 -0.20 -24.44 28.60
N GLU A 435 -1.49 -24.38 28.93
CA GLU A 435 -2.44 -25.43 28.55
C GLU A 435 -2.46 -25.56 27.03
N ARG A 436 -2.56 -24.43 26.34
CA ARG A 436 -2.59 -24.45 24.89
C ARG A 436 -1.25 -24.86 24.26
N ALA A 437 -0.15 -24.36 24.79
CA ALA A 437 1.16 -24.73 24.25
C ALA A 437 1.37 -26.23 24.40
N ALA A 438 0.77 -26.80 25.45
CA ALA A 438 0.89 -28.24 25.71
C ALA A 438 0.34 -29.04 24.53
N ARG A 439 -0.72 -28.54 23.91
CA ARG A 439 -1.31 -29.24 22.79
C ARG A 439 -1.09 -28.60 21.41
N GLY A 440 -0.01 -27.85 21.28
CA GLY A 440 0.33 -27.23 20.01
C GLY A 440 -0.41 -25.97 19.57
N GLU A 441 -0.98 -25.25 20.53
CA GLU A 441 -1.72 -24.03 20.21
C GLU A 441 -0.96 -22.78 20.69
N ARG A 442 -1.08 -21.69 19.94
CA ARG A 442 -0.42 -20.43 20.24
C ARG A 442 -1.35 -19.39 20.82
N THR A 443 -0.76 -18.40 21.48
CA THR A 443 -1.50 -17.31 22.11
C THR A 443 -0.91 -15.94 21.73
N LEU A 444 -1.80 -15.01 21.43
CA LEU A 444 -1.43 -13.63 21.09
C LEU A 444 -1.90 -12.80 22.28
N VAL A 445 -1.10 -11.85 22.73
CA VAL A 445 -1.48 -11.02 23.87
C VAL A 445 -1.23 -9.54 23.60
N THR A 446 -2.22 -8.70 23.87
CA THR A 446 -2.04 -7.27 23.71
C THR A 446 -2.18 -6.53 25.03
N VAL A 447 -1.19 -5.70 25.34
CA VAL A 447 -1.21 -4.87 26.54
C VAL A 447 -1.16 -3.44 26.00
N LEU A 448 -1.31 -2.46 26.89
CA LEU A 448 -1.34 -1.06 26.47
C LEU A 448 -0.05 -0.26 26.53
N THR A 449 0.89 -0.67 27.38
CA THR A 449 2.15 0.07 27.52
C THR A 449 3.40 -0.76 27.25
N VAL A 450 4.51 -0.06 27.01
CA VAL A 450 5.78 -0.73 26.75
C VAL A 450 6.29 -1.44 27.99
N ARG A 451 6.12 -0.80 29.15
CA ARG A 451 6.58 -1.42 30.39
C ARG A 451 5.83 -2.74 30.61
N MET A 452 4.52 -2.71 30.37
CA MET A 452 3.70 -3.90 30.55
C MET A 452 4.15 -5.02 29.60
N ALA A 453 4.35 -4.66 28.33
CA ALA A 453 4.79 -5.63 27.34
C ALA A 453 6.13 -6.23 27.74
N GLU A 454 7.06 -5.38 28.18
CA GLU A 454 8.38 -5.81 28.60
C GLU A 454 8.32 -6.76 29.80
N GLU A 455 7.62 -6.33 30.84
CA GLU A 455 7.51 -7.13 32.05
C GLU A 455 6.72 -8.42 31.92
N LEU A 456 5.62 -8.38 31.17
CA LEU A 456 4.82 -9.59 31.00
C LEU A 456 5.61 -10.64 30.23
N THR A 457 6.29 -10.22 29.17
CA THR A 457 7.07 -11.16 28.36
C THR A 457 8.15 -11.84 29.19
N SER A 458 8.95 -11.06 29.91
CA SER A 458 9.99 -11.67 30.73
C SER A 458 9.37 -12.57 31.80
N PHE A 459 8.26 -12.13 32.38
CA PHE A 459 7.59 -12.93 33.41
C PHE A 459 7.14 -14.28 32.84
N LEU A 460 6.55 -14.28 31.65
CA LEU A 460 6.10 -15.53 31.02
C LEU A 460 7.29 -16.45 30.73
N VAL A 461 8.38 -15.88 30.20
CA VAL A 461 9.57 -16.66 29.87
C VAL A 461 10.15 -17.30 31.13
N GLU A 462 10.13 -16.56 32.23
CA GLU A 462 10.65 -17.10 33.49
C GLU A 462 9.73 -18.15 34.09
N HIS A 463 8.55 -18.32 33.50
CA HIS A 463 7.61 -19.32 33.99
C HIS A 463 7.30 -20.42 32.98
N GLY A 464 8.31 -20.80 32.21
CA GLY A 464 8.18 -21.88 31.25
C GLY A 464 7.45 -21.65 29.94
N ILE A 465 7.29 -20.40 29.53
CA ILE A 465 6.59 -20.13 28.27
C ILE A 465 7.53 -19.58 27.21
N ARG A 466 7.40 -20.09 25.98
CA ARG A 466 8.22 -19.63 24.87
C ARG A 466 7.51 -18.39 24.32
N ALA A 467 7.77 -17.25 24.96
CA ALA A 467 7.15 -16.00 24.55
C ALA A 467 8.16 -14.97 24.05
N ARG A 468 7.77 -14.23 23.02
CA ARG A 468 8.61 -13.18 22.45
C ARG A 468 7.80 -11.87 22.52
N TYR A 469 8.51 -10.76 22.45
CA TYR A 469 7.93 -9.42 22.52
C TYR A 469 8.01 -8.72 21.17
N LEU A 470 6.84 -8.32 20.65
CA LEU A 470 6.76 -7.62 19.38
C LEU A 470 6.94 -6.13 19.68
N HIS A 471 8.20 -5.69 19.74
CA HIS A 471 8.50 -4.31 20.04
C HIS A 471 8.02 -3.35 18.95
N HIS A 472 7.50 -2.20 19.34
CA HIS A 472 6.98 -1.25 18.35
C HIS A 472 7.99 -0.65 17.38
N GLU A 473 9.28 -0.68 17.73
CA GLU A 473 10.30 -0.13 16.85
C GLU A 473 10.68 -1.08 15.72
N LEU A 474 10.19 -2.32 15.76
CA LEU A 474 10.51 -3.27 14.70
C LEU A 474 9.90 -2.81 13.38
N ASP A 475 10.67 -2.92 12.31
CA ASP A 475 10.19 -2.54 10.99
C ASP A 475 9.53 -3.75 10.37
N ALA A 476 9.07 -3.59 9.14
CA ALA A 476 8.41 -4.68 8.43
C ALA A 476 9.44 -5.77 8.12
N PHE A 477 8.94 -6.95 7.77
CA PHE A 477 9.77 -8.10 7.46
C PHE A 477 10.51 -8.58 8.70
N LYS A 478 10.93 -7.65 9.54
CA LYS A 478 11.61 -7.98 10.79
C LYS A 478 10.47 -8.25 11.77
N ARG A 479 9.40 -7.49 11.61
CA ARG A 479 8.23 -7.64 12.42
C ARG A 479 7.58 -8.90 11.86
N GLN A 480 7.68 -9.09 10.55
CA GLN A 480 7.13 -10.26 9.89
C GLN A 480 8.02 -11.48 10.11
N ALA A 481 9.29 -11.26 10.42
CA ALA A 481 10.22 -12.36 10.67
C ALA A 481 9.87 -12.98 12.01
N LEU A 482 9.59 -12.12 12.99
CA LEU A 482 9.23 -12.56 14.32
C LEU A 482 7.91 -13.32 14.20
N ILE A 483 6.95 -12.71 13.51
CA ILE A 483 5.64 -13.31 13.33
C ILE A 483 5.79 -14.62 12.55
N ARG A 484 6.73 -14.63 11.62
CA ARG A 484 7.01 -15.82 10.81
C ARG A 484 7.40 -16.99 11.72
N ASP A 485 8.23 -16.71 12.71
CA ASP A 485 8.68 -17.74 13.65
C ASP A 485 7.53 -18.32 14.47
N LEU A 486 6.51 -17.50 14.73
CA LEU A 486 5.35 -17.94 15.49
C LEU A 486 4.55 -18.86 14.56
N ARG A 487 4.41 -18.44 13.30
CA ARG A 487 3.68 -19.23 12.33
C ARG A 487 4.35 -20.59 12.17
N LEU A 488 5.68 -20.60 12.26
CA LEU A 488 6.44 -21.83 12.13
C LEU A 488 6.56 -22.62 13.44
N GLY A 489 5.99 -22.08 14.51
CA GLY A 489 6.03 -22.76 15.79
C GLY A 489 7.30 -22.71 16.63
N HIS A 490 8.20 -21.77 16.34
CA HIS A 490 9.44 -21.66 17.11
C HIS A 490 9.11 -21.27 18.55
N TYR A 491 8.03 -20.52 18.74
CA TYR A 491 7.62 -20.16 20.07
C TYR A 491 6.10 -20.28 20.16
N ASP A 492 5.54 -20.11 21.35
CA ASP A 492 4.11 -20.29 21.53
C ASP A 492 3.27 -19.06 21.81
N CYS A 493 3.90 -17.98 22.24
CA CYS A 493 3.16 -16.79 22.59
C CYS A 493 3.85 -15.51 22.14
N LEU A 494 3.07 -14.59 21.55
CA LEU A 494 3.59 -13.30 21.11
C LEU A 494 2.88 -12.21 21.90
N VAL A 495 3.66 -11.36 22.56
CA VAL A 495 3.13 -10.25 23.36
C VAL A 495 3.46 -8.93 22.68
N GLY A 496 2.46 -8.06 22.58
CA GLY A 496 2.69 -6.77 21.96
C GLY A 496 1.64 -5.75 22.36
N ILE A 497 1.78 -4.53 21.83
CA ILE A 497 0.83 -3.48 22.12
C ILE A 497 -0.18 -3.47 20.97
N ASN A 498 0.31 -3.18 19.78
CA ASN A 498 -0.51 -3.14 18.57
C ASN A 498 -0.39 -4.48 17.83
N LEU A 499 -1.45 -5.29 17.86
CA LEU A 499 -1.44 -6.58 17.19
C LEU A 499 -2.13 -6.52 15.84
N LEU A 500 -2.48 -5.32 15.41
CA LEU A 500 -3.16 -5.16 14.13
C LEU A 500 -2.10 -5.14 13.03
N ARG A 501 -1.21 -6.14 13.06
CA ARG A 501 -0.14 -6.25 12.09
C ARG A 501 -0.47 -7.29 11.02
N GLU A 502 0.32 -7.31 9.96
CA GLU A 502 0.13 -8.23 8.86
C GLU A 502 0.73 -9.60 9.20
N GLY A 503 0.12 -10.66 8.66
CA GLY A 503 0.63 -12.00 8.89
C GLY A 503 0.30 -12.67 10.22
N LEU A 504 -0.56 -12.05 11.01
CA LEU A 504 -0.92 -12.63 12.30
C LEU A 504 -2.15 -13.55 12.26
N ASP A 505 -2.55 -13.96 11.06
CA ASP A 505 -3.68 -14.88 10.90
C ASP A 505 -3.06 -16.25 10.76
N ILE A 506 -2.85 -16.89 11.91
CA ILE A 506 -2.21 -18.19 11.98
C ILE A 506 -3.18 -19.24 12.51
N PRO A 507 -3.32 -20.38 11.80
CA PRO A 507 -4.24 -21.44 12.23
C PRO A 507 -4.00 -21.95 13.65
N GLU A 508 -2.75 -22.01 14.10
CA GLU A 508 -2.44 -22.52 15.42
C GLU A 508 -2.78 -21.58 16.58
N VAL A 509 -3.10 -20.32 16.28
CA VAL A 509 -3.47 -19.39 17.33
C VAL A 509 -4.90 -19.71 17.76
N SER A 510 -5.08 -20.12 19.02
CA SER A 510 -6.40 -20.45 19.52
C SER A 510 -6.85 -19.51 20.63
N LEU A 511 -5.95 -18.61 21.04
CA LEU A 511 -6.28 -17.66 22.09
C LEU A 511 -5.68 -16.29 21.84
N VAL A 512 -6.51 -15.26 22.03
CA VAL A 512 -6.07 -13.88 21.92
C VAL A 512 -6.50 -13.26 23.25
N ALA A 513 -5.54 -12.77 24.02
CA ALA A 513 -5.83 -12.17 25.31
C ALA A 513 -5.67 -10.65 25.20
N ILE A 514 -6.68 -9.93 25.68
CA ILE A 514 -6.65 -8.47 25.64
C ILE A 514 -6.71 -7.91 27.05
N LEU A 515 -5.56 -7.45 27.55
CA LEU A 515 -5.49 -6.85 28.89
C LEU A 515 -6.03 -5.42 28.78
N ASP A 516 -6.51 -4.86 29.89
CA ASP A 516 -7.08 -3.52 29.88
C ASP A 516 -8.07 -3.38 28.73
N ALA A 517 -8.92 -4.39 28.56
CA ALA A 517 -9.89 -4.39 27.49
C ALA A 517 -10.91 -3.25 27.54
N ASP A 518 -11.14 -2.71 28.73
CA ASP A 518 -12.11 -1.63 28.92
C ASP A 518 -11.52 -0.21 28.90
N LYS A 519 -10.22 -0.08 28.74
CA LYS A 519 -9.60 1.25 28.72
C LYS A 519 -9.78 2.01 27.41
N GLU A 520 -9.91 3.34 27.47
CA GLU A 520 -10.09 4.09 26.24
C GLU A 520 -8.77 4.09 25.46
N GLY A 521 -8.86 4.45 24.19
CA GLY A 521 -7.69 4.47 23.34
C GLY A 521 -7.99 3.76 22.04
N PHE A 522 -7.27 4.10 20.98
CA PHE A 522 -7.48 3.51 19.65
C PHE A 522 -7.49 1.98 19.61
N LEU A 523 -6.54 1.34 20.31
CA LEU A 523 -6.43 -0.12 20.31
C LEU A 523 -7.50 -0.85 21.12
N ARG A 524 -8.39 -0.09 21.73
CA ARG A 524 -9.46 -0.67 22.51
C ARG A 524 -10.82 -0.15 22.00
N SER A 525 -10.81 0.45 20.81
CA SER A 525 -12.03 0.96 20.22
C SER A 525 -12.87 -0.23 19.75
N GLU A 526 -14.14 0.02 19.42
CA GLU A 526 -15.01 -1.04 18.94
C GLU A 526 -14.38 -1.73 17.73
N ARG A 527 -13.98 -0.93 16.74
CA ARG A 527 -13.38 -1.49 15.54
C ARG A 527 -12.09 -2.26 15.82
N SER A 528 -11.20 -1.68 16.62
CA SER A 528 -9.95 -2.34 16.94
C SER A 528 -10.16 -3.66 17.67
N LEU A 529 -11.14 -3.72 18.56
CA LEU A 529 -11.42 -4.95 19.29
C LEU A 529 -11.89 -6.02 18.30
N ILE A 530 -12.79 -5.64 17.40
CA ILE A 530 -13.28 -6.59 16.40
C ILE A 530 -12.11 -7.09 15.57
N GLN A 531 -11.24 -6.18 15.12
CA GLN A 531 -10.08 -6.58 14.33
C GLN A 531 -9.17 -7.53 15.12
N THR A 532 -8.94 -7.24 16.40
CA THR A 532 -8.07 -8.07 17.23
C THR A 532 -8.70 -9.44 17.51
N ILE A 533 -10.01 -9.44 17.73
CA ILE A 533 -10.77 -10.66 17.99
C ILE A 533 -10.62 -11.62 16.80
N GLY A 534 -10.59 -11.06 15.59
CA GLY A 534 -10.47 -11.85 14.38
C GLY A 534 -9.20 -12.69 14.26
N ARG A 535 -8.18 -12.37 15.05
CA ARG A 535 -6.93 -13.12 15.02
C ARG A 535 -7.11 -14.53 15.58
N ALA A 536 -8.27 -14.78 16.17
CA ALA A 536 -8.55 -16.11 16.73
C ALA A 536 -9.57 -16.87 15.89
N ALA A 537 -9.88 -16.36 14.70
CA ALA A 537 -10.87 -16.99 13.83
C ALA A 537 -10.34 -17.98 12.80
N ARG A 538 -9.10 -18.43 12.95
CA ARG A 538 -8.57 -19.43 12.02
C ARG A 538 -8.35 -20.74 12.74
N ASN A 539 -8.91 -20.84 13.94
CA ASN A 539 -8.76 -22.04 14.75
C ASN A 539 -10.17 -22.50 15.16
N ALA A 540 -10.41 -23.81 15.06
CA ALA A 540 -11.71 -24.39 15.39
C ALA A 540 -12.10 -24.25 16.87
N ARG A 541 -11.15 -23.83 17.70
CA ARG A 541 -11.40 -23.66 19.13
C ARG A 541 -11.05 -22.25 19.58
N GLY A 542 -10.97 -21.33 18.63
CA GLY A 542 -10.62 -19.96 18.93
C GLY A 542 -11.38 -19.28 20.06
N GLU A 543 -10.63 -18.62 20.94
CA GLU A 543 -11.23 -17.89 22.04
C GLU A 543 -10.51 -16.56 22.24
N VAL A 544 -11.24 -15.57 22.75
CA VAL A 544 -10.68 -14.26 23.02
C VAL A 544 -11.07 -13.98 24.47
N TRP A 545 -10.07 -13.64 25.29
CA TRP A 545 -10.31 -13.33 26.69
C TRP A 545 -10.08 -11.84 26.92
N LEU A 546 -11.13 -11.14 27.33
CA LEU A 546 -11.06 -9.72 27.60
C LEU A 546 -10.94 -9.54 29.11
N TYR A 547 -9.78 -9.06 29.58
CA TYR A 547 -9.60 -8.85 31.01
C TYR A 547 -10.02 -7.44 31.37
N ALA A 548 -11.06 -7.35 32.20
CA ALA A 548 -11.60 -6.07 32.62
C ALA A 548 -12.63 -6.30 33.73
N ASP A 549 -12.81 -5.30 34.57
CA ASP A 549 -13.77 -5.42 35.67
C ASP A 549 -15.08 -4.71 35.32
N ARG A 550 -15.12 -4.09 34.15
CA ARG A 550 -16.31 -3.41 33.66
C ARG A 550 -16.42 -3.66 32.17
N VAL A 551 -17.63 -3.50 31.63
CA VAL A 551 -17.84 -3.69 30.20
C VAL A 551 -18.05 -2.32 29.57
N SER A 552 -17.09 -1.88 28.76
CA SER A 552 -17.22 -0.60 28.08
C SER A 552 -18.16 -0.80 26.89
N GLU A 553 -18.63 0.29 26.30
CA GLU A 553 -19.52 0.19 25.15
C GLU A 553 -18.78 -0.49 23.99
N ALA A 554 -17.49 -0.18 23.84
CA ALA A 554 -16.70 -0.79 22.76
C ALA A 554 -16.68 -2.31 22.92
N MET A 555 -16.43 -2.77 24.14
CA MET A 555 -16.42 -4.21 24.42
C MET A 555 -17.81 -4.80 24.15
N GLN A 556 -18.84 -4.16 24.69
CA GLN A 556 -20.21 -4.64 24.52
C GLN A 556 -20.54 -4.85 23.05
N ARG A 557 -20.26 -3.83 22.25
CA ARG A 557 -20.53 -3.85 20.81
C ARG A 557 -19.71 -4.91 20.08
N ALA A 558 -18.43 -5.02 20.43
CA ALA A 558 -17.54 -5.99 19.80
C ALA A 558 -17.99 -7.43 20.13
N ILE A 559 -18.42 -7.64 21.37
CA ILE A 559 -18.90 -8.95 21.80
C ILE A 559 -20.16 -9.33 21.03
N GLU A 560 -21.07 -8.37 20.90
CA GLU A 560 -22.31 -8.59 20.16
C GLU A 560 -22.06 -8.90 18.69
N GLU A 561 -21.15 -8.17 18.05
CA GLU A 561 -20.86 -8.40 16.63
C GLU A 561 -20.19 -9.75 16.39
N THR A 562 -19.29 -10.16 17.29
CA THR A 562 -18.61 -11.43 17.15
C THR A 562 -19.66 -12.54 17.30
N ASN A 563 -20.57 -12.36 18.25
CA ASN A 563 -21.63 -13.33 18.46
C ASN A 563 -22.55 -13.39 17.24
N ARG A 564 -22.88 -12.24 16.67
CA ARG A 564 -23.75 -12.22 15.49
C ARG A 564 -23.14 -13.05 14.35
N ARG A 565 -21.86 -12.82 14.10
CA ARG A 565 -21.14 -13.54 13.04
C ARG A 565 -21.08 -15.04 13.33
N ARG A 566 -20.68 -15.40 14.56
CA ARG A 566 -20.57 -16.81 14.94
C ARG A 566 -21.91 -17.54 14.73
N ALA A 567 -23.00 -16.93 15.18
CA ALA A 567 -24.32 -17.51 15.06
C ALA A 567 -24.73 -17.69 13.59
N LEU A 568 -24.46 -16.70 12.75
CA LEU A 568 -24.80 -16.81 11.34
C LEU A 568 -24.01 -17.96 10.69
N GLN A 569 -22.73 -18.09 11.05
CA GLN A 569 -21.95 -19.15 10.46
C GLN A 569 -22.31 -20.54 10.98
N GLU A 570 -22.72 -20.63 12.24
CA GLU A 570 -23.12 -21.91 12.80
C GLU A 570 -24.41 -22.36 12.10
N ALA A 571 -25.28 -21.40 11.80
CA ALA A 571 -26.53 -21.72 11.12
C ALA A 571 -26.24 -22.24 9.72
N TYR A 572 -25.32 -21.58 9.03
CA TYR A 572 -24.95 -21.98 7.68
C TYR A 572 -24.33 -23.38 7.69
N ASN A 573 -23.45 -23.64 8.67
CA ASN A 573 -22.81 -24.94 8.74
C ASN A 573 -23.83 -26.05 9.01
N LEU A 574 -24.80 -25.76 9.85
CA LEU A 574 -25.83 -26.74 10.20
C LEU A 574 -26.61 -27.10 8.93
N GLU A 575 -27.02 -26.08 8.20
CA GLU A 575 -27.77 -26.24 6.96
C GLU A 575 -27.02 -27.03 5.89
N HIS A 576 -25.71 -26.85 5.82
CA HIS A 576 -24.89 -27.51 4.81
C HIS A 576 -24.10 -28.72 5.30
N GLY A 577 -24.34 -29.14 6.53
CA GLY A 577 -23.64 -30.29 7.07
C GLY A 577 -22.14 -30.13 7.17
N ILE A 578 -21.71 -28.96 7.65
CA ILE A 578 -20.28 -28.69 7.79
C ILE A 578 -19.87 -28.57 9.25
N THR A 579 -18.75 -29.18 9.59
CA THR A 579 -18.23 -29.10 10.96
C THR A 579 -16.84 -28.49 10.86
N PRO A 580 -16.59 -27.41 11.61
CA PRO A 580 -15.29 -26.74 11.60
C PRO A 580 -14.12 -27.66 11.93
N GLU A 581 -12.96 -27.34 11.38
CA GLU A 581 -11.75 -28.09 11.64
C GLU A 581 -10.61 -27.10 11.40
N THR A 582 -9.56 -27.20 12.19
CA THR A 582 -8.46 -26.25 12.09
C THR A 582 -7.57 -26.23 10.86
N VAL A 583 -7.04 -27.38 10.44
CA VAL A 583 -6.16 -27.43 9.26
C VAL A 583 -4.75 -26.99 9.65
#